data_4M0C
#
_entry.id   4M0C
#
_cell.length_a   48.483
_cell.length_b   88.709
_cell.length_c   98.040
_cell.angle_alpha   90.00
_cell.angle_beta   90.00
_cell.angle_gamma   90.00
#
_symmetry.space_group_name_H-M   'P 21 21 21'
#
loop_
_entity.id
_entity.type
_entity.pdbx_description
1 polymer 'FMN-dependent NADH-azoreductase 1'
2 non-polymer 'FLAVIN MONONUCLEOTIDE'
3 non-polymer 'ZINC ION'
4 non-polymer GLYCEROL
5 water water
#
_entity_poly.entity_id   1
_entity_poly.type   'polypeptide(L)'
_entity_poly.pdbx_seq_one_letter_code
;SNA(MSE)NKTLIINAHPKVDDTSSVSIKVFKHFLESYKELISNNETIEQINLYDDVVP(MSE)IDKTVLSAWEKQGNGQ
ELTREEQKVTER(MSE)SEILQQFKSANTYVIVLPLHNFNIPSKLKDY(MSE)DNI(MSE)IARETFKYTETGSVGLLKD
GRR(MSE)LVIQASGGIYTNDDWYTDVEYSHKYLKA(MSE)FNFLGIEDYQIVRAQGTAVLDPTEVLQNAYKEVEEAASR
LANKYIFSLEE
;
_entity_poly.pdbx_strand_id   A,B
#
# COMPACT_ATOMS: atom_id res chain seq x y z
N ASN A 5 14.98 -23.42 13.08
CA ASN A 5 15.16 -22.00 13.32
C ASN A 5 15.65 -21.28 12.09
N LYS A 6 14.80 -20.44 11.54
CA LYS A 6 15.14 -19.72 10.34
C LYS A 6 14.67 -18.29 10.51
N THR A 7 15.54 -17.36 10.12
CA THR A 7 15.25 -15.93 10.12
C THR A 7 15.06 -15.47 8.68
N LEU A 8 13.95 -14.79 8.41
CA LEU A 8 13.67 -14.26 7.07
C LEU A 8 13.74 -12.74 7.09
N ILE A 9 14.65 -12.19 6.29
CA ILE A 9 14.76 -10.75 6.15
C ILE A 9 13.93 -10.30 4.94
N ILE A 10 12.97 -9.43 5.18
CA ILE A 10 12.11 -8.94 4.12
C ILE A 10 12.53 -7.49 3.87
N ASN A 11 13.38 -7.30 2.86
CA ASN A 11 13.93 -5.99 2.58
C ASN A 11 13.03 -5.23 1.60
N ALA A 12 12.28 -4.27 2.12
CA ALA A 12 11.35 -3.49 1.30
C ALA A 12 11.90 -2.13 0.87
N HIS A 13 13.24 -2.01 0.81
CA HIS A 13 13.80 -0.73 0.40
C HIS A 13 14.17 -0.77 -1.07
N PRO A 14 13.69 0.23 -1.83
CA PRO A 14 13.92 0.34 -3.28
C PRO A 14 15.40 0.33 -3.66
N LYS A 15 16.26 0.87 -2.79
CA LYS A 15 17.69 0.92 -3.08
C LYS A 15 18.39 -0.39 -2.77
N VAL A 16 17.66 -1.31 -2.13
CA VAL A 16 18.14 -2.66 -1.82
C VAL A 16 19.35 -2.78 -0.87
N ASP A 17 20.55 -2.43 -1.35
CA ASP A 17 21.78 -2.58 -0.57
C ASP A 17 22.62 -1.29 -0.44
N ASP A 18 22.09 -0.17 -0.94
CA ASP A 18 22.82 1.10 -0.92
C ASP A 18 22.91 1.64 0.52
N THR A 19 24.13 1.78 1.05
CA THR A 19 24.30 2.22 2.44
C THR A 19 24.12 3.72 2.66
N SER A 20 23.82 4.47 1.61
CA SER A 20 23.44 5.87 1.79
C SER A 20 22.12 5.96 2.58
N SER A 21 21.32 4.90 2.49
CA SER A 21 20.01 4.83 3.15
C SER A 21 20.09 4.62 4.68
N VAL A 22 19.32 5.39 5.46
CA VAL A 22 19.33 5.23 6.92
C VAL A 22 18.86 3.84 7.33
N SER A 23 17.75 3.39 6.76
CA SER A 23 17.17 2.11 7.18
C SER A 23 18.03 0.91 6.78
N ILE A 24 18.71 1.00 5.64
CA ILE A 24 19.68 -0.04 5.26
C ILE A 24 20.92 -0.06 6.20
N LYS A 25 21.48 1.10 6.54
CA LYS A 25 22.56 1.17 7.55
C LYS A 25 22.15 0.51 8.88
N VAL A 26 21.00 0.92 9.38
CA VAL A 26 20.47 0.37 10.63
C VAL A 26 20.29 -1.15 10.50
N PHE A 27 19.70 -1.61 9.41
CA PHE A 27 19.57 -3.04 9.19
C PHE A 27 20.94 -3.74 9.14
N LYS A 28 21.90 -3.16 8.44
CA LYS A 28 23.20 -3.82 8.33
C LYS A 28 23.87 -3.90 9.68
N HIS A 29 23.68 -2.88 10.51
CA HIS A 29 24.22 -2.92 11.86
C HIS A 29 23.47 -4.00 12.67
N PHE A 30 22.14 -4.09 12.50
CA PHE A 30 21.39 -5.20 13.12
C PHE A 30 21.99 -6.56 12.73
N LEU A 31 22.17 -6.75 11.43
CA LEU A 31 22.66 -8.01 10.88
C LEU A 31 24.04 -8.38 11.43
N GLU A 32 24.90 -7.38 11.56
CA GLU A 32 26.22 -7.58 12.15
C GLU A 32 26.13 -8.18 13.56
N SER A 33 25.35 -7.53 14.43
CA SER A 33 25.19 -7.99 15.81
C SER A 33 24.49 -9.35 15.88
N TYR A 34 23.43 -9.52 15.09
CA TYR A 34 22.67 -10.77 15.07
C TYR A 34 23.51 -11.99 14.71
N LYS A 35 24.31 -11.89 13.65
CA LYS A 35 25.14 -13.02 13.25
C LYS A 35 26.25 -13.35 14.25
N GLU A 36 26.66 -12.38 15.05
CA GLU A 36 27.66 -12.64 16.10
C GLU A 36 27.06 -13.54 17.17
N LEU A 37 25.74 -13.52 17.28
CA LEU A 37 25.04 -14.07 18.44
C LEU A 37 24.23 -15.36 18.20
N ILE A 38 23.78 -15.60 16.97
CA ILE A 38 22.98 -16.80 16.67
C ILE A 38 23.79 -18.09 16.65
N SER A 39 23.08 -19.21 16.59
CA SER A 39 23.70 -20.53 16.57
C SER A 39 24.11 -20.90 15.16
N ASN A 40 24.84 -22.01 15.04
CA ASN A 40 25.14 -22.57 13.74
C ASN A 40 23.89 -23.25 13.19
N ASN A 41 22.93 -23.53 14.07
CA ASN A 41 21.69 -24.18 13.69
C ASN A 41 20.68 -23.18 13.14
N GLU A 42 21.07 -21.90 13.12
CA GLU A 42 20.17 -20.85 12.67
C GLU A 42 20.50 -20.39 11.25
N THR A 43 19.57 -20.62 10.34
CA THR A 43 19.72 -20.15 8.96
C THR A 43 19.10 -18.76 8.78
N ILE A 44 19.66 -17.98 7.86
CA ILE A 44 19.13 -16.67 7.55
C ILE A 44 18.84 -16.56 6.04
N GLU A 45 17.60 -16.23 5.68
CA GLU A 45 17.25 -15.97 4.29
C GLU A 45 16.83 -14.52 4.10
N GLN A 46 16.98 -14.02 2.88
CA GLN A 46 16.62 -12.63 2.61
C GLN A 46 15.90 -12.54 1.28
N ILE A 47 14.80 -11.80 1.25
CA ILE A 47 14.16 -11.48 -0.03
C ILE A 47 14.18 -9.96 -0.23
N ASN A 48 14.73 -9.54 -1.36
CA ASN A 48 14.79 -8.13 -1.68
C ASN A 48 13.61 -7.74 -2.56
N LEU A 49 12.61 -7.09 -1.96
CA LEU A 49 11.35 -6.83 -2.65
C LEU A 49 11.49 -5.99 -3.94
N TYR A 50 12.58 -5.22 -4.05
CA TYR A 50 12.80 -4.40 -5.23
C TYR A 50 13.89 -4.97 -6.14
N ASP A 51 14.30 -6.21 -5.88
CA ASP A 51 15.26 -6.87 -6.75
C ASP A 51 14.82 -8.27 -7.19
N ASP A 52 14.17 -9.00 -6.29
CA ASP A 52 13.70 -10.36 -6.57
C ASP A 52 12.30 -10.27 -7.18
N VAL A 53 11.81 -11.34 -7.79
CA VAL A 53 10.48 -11.32 -8.38
C VAL A 53 9.38 -11.46 -7.32
N VAL A 54 8.56 -10.43 -7.17
CA VAL A 54 7.48 -10.45 -6.21
C VAL A 54 6.20 -10.11 -6.97
N PRO A 55 5.44 -11.14 -7.37
CA PRO A 55 4.28 -10.93 -8.22
C PRO A 55 3.21 -10.07 -7.56
N ILE A 57 -0.84 -8.75 -7.36
CA ILE A 57 -2.15 -9.22 -7.77
C ILE A 57 -2.56 -8.50 -9.05
N ASP A 58 -2.71 -9.24 -10.13
CA ASP A 58 -3.19 -8.68 -11.40
C ASP A 58 -4.24 -9.62 -12.00
N LYS A 59 -4.71 -9.32 -13.21
CA LYS A 59 -5.73 -10.13 -13.89
C LYS A 59 -5.37 -11.61 -13.90
N THR A 60 -4.12 -11.90 -14.21
CA THR A 60 -3.68 -13.29 -14.37
C THR A 60 -3.79 -14.05 -13.03
N VAL A 61 -3.32 -13.42 -11.96
CA VAL A 61 -3.42 -14.01 -10.63
C VAL A 61 -4.87 -14.24 -10.21
N LEU A 62 -5.72 -13.26 -10.46
CA LEU A 62 -7.12 -13.36 -10.08
C LEU A 62 -7.81 -14.45 -10.89
N SER A 63 -7.45 -14.53 -12.16
CA SER A 63 -7.95 -15.59 -13.06
C SER A 63 -7.50 -16.97 -12.59
N ALA A 64 -6.22 -17.07 -12.26
CA ALA A 64 -5.66 -18.32 -11.78
C ALA A 64 -6.37 -18.77 -10.50
N TRP A 65 -6.56 -17.84 -9.57
CA TRP A 65 -7.21 -18.14 -8.30
C TRP A 65 -8.68 -18.51 -8.48
N GLU A 66 -9.31 -17.97 -9.54
CA GLU A 66 -10.68 -18.33 -9.86
C GLU A 66 -10.72 -19.79 -10.30
N LYS A 67 -9.83 -20.15 -11.23
CA LYS A 67 -9.77 -21.50 -11.79
C LYS A 67 -9.45 -22.55 -10.74
N GLN A 68 -8.54 -22.21 -9.84
CA GLN A 68 -8.15 -23.11 -8.76
C GLN A 68 -9.33 -23.37 -7.82
N GLY A 69 -10.34 -22.51 -7.86
CA GLY A 69 -11.55 -22.71 -7.08
C GLY A 69 -12.53 -23.62 -7.79
N ASN A 70 -12.59 -23.52 -9.11
CA ASN A 70 -13.43 -24.39 -9.92
C ASN A 70 -12.75 -25.74 -10.15
N GLY A 71 -11.42 -25.73 -10.16
CA GLY A 71 -10.66 -26.92 -10.49
C GLY A 71 -10.45 -27.03 -11.98
N GLN A 72 -10.37 -25.89 -12.65
CA GLN A 72 -10.09 -25.85 -14.09
C GLN A 72 -8.59 -25.90 -14.35
N GLU A 73 -8.22 -25.95 -15.62
CA GLU A 73 -6.82 -25.98 -16.02
C GLU A 73 -6.26 -24.57 -16.07
N LEU A 74 -5.01 -24.42 -15.62
CA LEU A 74 -4.32 -23.14 -15.67
C LEU A 74 -3.49 -22.99 -16.95
N THR A 75 -3.46 -21.78 -17.51
CA THR A 75 -2.57 -21.49 -18.64
C THR A 75 -1.13 -21.49 -18.15
N ARG A 76 -0.18 -21.60 -19.07
CA ARG A 76 1.23 -21.59 -18.69
C ARG A 76 1.61 -20.32 -17.91
N GLU A 77 0.93 -19.22 -18.24
CA GLU A 77 1.18 -17.94 -17.57
C GLU A 77 0.67 -18.00 -16.13
N GLU A 78 -0.52 -18.57 -15.96
CA GLU A 78 -1.14 -18.63 -14.64
C GLU A 78 -0.35 -19.55 -13.73
N GLN A 79 0.15 -20.64 -14.30
CA GLN A 79 1.00 -21.58 -13.58
C GLN A 79 2.28 -20.92 -13.11
N LYS A 80 2.91 -20.18 -14.01
CA LYS A 80 4.20 -19.55 -13.71
C LYS A 80 4.08 -18.55 -12.56
N VAL A 81 3.09 -17.68 -12.63
CA VAL A 81 2.92 -16.68 -11.57
C VAL A 81 2.41 -17.29 -10.25
N THR A 82 1.50 -18.26 -10.30
CA THR A 82 1.06 -18.87 -9.05
C THR A 82 2.17 -19.66 -8.38
N GLU A 83 3.01 -20.32 -9.18
CA GLU A 83 4.14 -21.05 -8.61
C GLU A 83 5.10 -20.11 -7.85
N ARG A 84 5.43 -18.96 -8.43
CA ARG A 84 6.32 -18.03 -7.74
C ARG A 84 5.69 -17.59 -6.42
N SER A 86 3.61 -19.18 -4.62
CA SER A 86 3.69 -20.30 -3.67
C SER A 86 5.05 -20.38 -2.99
N GLU A 87 6.12 -20.13 -3.74
CA GLU A 87 7.46 -20.11 -3.18
C GLU A 87 7.60 -19.03 -2.13
N ILE A 88 7.05 -17.84 -2.41
CA ILE A 88 7.14 -16.74 -1.46
C ILE A 88 6.37 -17.05 -0.18
N LEU A 89 5.18 -17.66 -0.32
CA LEU A 89 4.35 -18.03 0.83
C LEU A 89 5.06 -19.07 1.68
N GLN A 90 5.51 -20.15 1.05
CA GLN A 90 6.20 -21.20 1.79
C GLN A 90 7.49 -20.71 2.43
N GLN A 91 8.23 -19.84 1.75
CA GLN A 91 9.42 -19.26 2.36
C GLN A 91 9.02 -18.50 3.64
N PHE A 92 7.95 -17.72 3.54
CA PHE A 92 7.48 -16.98 4.70
C PHE A 92 7.05 -17.90 5.87
N LYS A 93 6.31 -18.96 5.57
CA LYS A 93 5.85 -19.90 6.60
C LYS A 93 7.00 -20.70 7.19
N SER A 94 8.11 -20.80 6.45
CA SER A 94 9.26 -21.58 6.90
C SER A 94 10.07 -20.84 7.98
N ALA A 95 9.84 -19.55 8.16
CA ALA A 95 10.63 -18.78 9.13
C ALA A 95 9.89 -18.56 10.44
N ASN A 96 10.65 -18.47 11.55
CA ASN A 96 10.04 -18.09 12.82
C ASN A 96 10.58 -16.76 13.38
N THR A 97 11.48 -16.14 12.63
CA THR A 97 11.91 -14.79 12.97
C THR A 97 11.91 -13.95 11.69
N TYR A 98 11.29 -12.78 11.74
CA TYR A 98 11.15 -11.95 10.54
C TYR A 98 11.72 -10.56 10.81
N VAL A 99 12.43 -10.02 9.83
CA VAL A 99 12.91 -8.64 9.91
C VAL A 99 12.46 -7.90 8.66
N ILE A 100 11.62 -6.88 8.82
CA ILE A 100 11.17 -6.05 7.71
C ILE A 100 11.90 -4.69 7.74
N VAL A 101 12.48 -4.32 6.61
CA VAL A 101 13.21 -3.07 6.48
C VAL A 101 12.50 -2.19 5.48
N LEU A 102 12.16 -0.96 5.86
CA LEU A 102 11.47 -0.07 4.95
C LEU A 102 11.77 1.40 5.23
N PRO A 103 11.81 2.21 4.17
CA PRO A 103 11.76 3.68 4.34
C PRO A 103 10.28 4.06 4.44
N LEU A 104 9.96 5.18 5.08
CA LEU A 104 8.57 5.59 5.09
C LEU A 104 8.37 6.56 3.96
N HIS A 105 7.59 6.14 2.96
CA HIS A 105 7.26 7.01 1.84
C HIS A 105 5.74 7.23 1.80
N ASN A 106 5.32 8.47 2.04
CA ASN A 106 3.90 8.84 1.97
C ASN A 106 2.99 8.03 2.91
N PHE A 107 3.47 7.85 4.15
CA PHE A 107 2.63 7.43 5.26
C PHE A 107 1.99 6.05 5.11
N ASN A 108 2.61 5.18 4.33
CA ASN A 108 2.10 3.81 4.15
C ASN A 108 3.26 2.88 3.76
N ILE A 109 2.99 1.59 3.65
CA ILE A 109 4.05 0.65 3.27
C ILE A 109 4.44 0.86 1.80
N PRO A 110 5.69 0.52 1.44
CA PRO A 110 6.08 0.60 0.02
C PRO A 110 5.18 -0.29 -0.84
N SER A 111 4.93 0.08 -2.09
CA SER A 111 4.02 -0.71 -2.94
C SER A 111 4.45 -2.16 -3.05
N LYS A 112 5.76 -2.41 -3.17
CA LYS A 112 6.23 -3.79 -3.30
C LYS A 112 6.00 -4.59 -2.02
N LEU A 113 5.94 -3.91 -0.88
CA LEU A 113 5.63 -4.58 0.37
C LEU A 113 4.16 -4.96 0.40
N LYS A 114 3.32 -4.13 -0.23
CA LYS A 114 1.91 -4.50 -0.37
C LYS A 114 1.80 -5.74 -1.23
N ASP A 115 2.56 -5.79 -2.32
CA ASP A 115 2.56 -6.99 -3.15
C ASP A 115 2.96 -8.19 -2.29
N TYR A 116 3.97 -8.00 -1.45
CA TYR A 116 4.46 -9.07 -0.58
C TYR A 116 3.37 -9.59 0.36
N ASP A 118 0.31 -9.45 -0.19
CA ASP A 118 -0.67 -10.11 -1.07
C ASP A 118 -0.25 -11.55 -1.40
N ASN A 119 1.03 -11.84 -1.25
CA ASN A 119 1.54 -13.19 -1.46
C ASN A 119 1.45 -14.04 -0.19
N ILE A 120 1.52 -13.42 0.98
CA ILE A 120 1.65 -14.21 2.22
C ILE A 120 0.39 -14.30 3.04
N ILE A 122 -2.81 -15.69 2.84
CA ILE A 122 -3.52 -16.65 2.00
C ILE A 122 -4.42 -17.53 2.85
N ALA A 123 -5.71 -17.60 2.48
CA ALA A 123 -6.68 -18.36 3.24
C ALA A 123 -6.24 -19.80 3.33
N ARG A 124 -6.47 -20.43 4.48
CA ARG A 124 -6.07 -21.81 4.72
C ARG A 124 -4.55 -22.02 4.81
N GLU A 125 -3.76 -20.98 4.60
CA GLU A 125 -2.31 -21.10 4.73
C GLU A 125 -1.73 -20.31 5.91
N THR A 126 -2.07 -19.01 6.01
CA THR A 126 -1.60 -18.20 7.14
C THR A 126 -2.76 -17.66 8.00
N PHE A 127 -3.97 -17.77 7.48
CA PHE A 127 -5.18 -17.50 8.28
C PHE A 127 -6.30 -18.37 7.72
N LYS A 128 -7.39 -18.52 8.47
CA LYS A 128 -8.57 -19.20 7.97
C LYS A 128 -9.84 -18.48 8.37
N TYR A 129 -10.89 -18.66 7.58
CA TYR A 129 -12.21 -18.17 7.92
C TYR A 129 -12.83 -19.07 8.99
N THR A 130 -13.69 -18.48 9.82
CA THR A 130 -14.35 -19.21 10.91
C THR A 130 -15.79 -18.72 10.93
N GLU A 131 -16.67 -19.40 11.68
CA GLU A 131 -18.05 -18.97 11.83
C GLU A 131 -18.12 -17.50 12.28
N THR A 132 -17.32 -17.16 13.29
CA THR A 132 -17.29 -15.80 13.83
C THR A 132 -16.65 -14.78 12.88
N GLY A 133 -15.58 -15.19 12.19
CA GLY A 133 -14.92 -14.31 11.23
C GLY A 133 -13.73 -14.96 10.54
N SER A 134 -12.53 -14.65 11.03
CA SER A 134 -11.31 -15.25 10.52
C SER A 134 -10.29 -15.25 11.64
N VAL A 135 -9.26 -16.12 11.54
CA VAL A 135 -8.28 -16.25 12.61
C VAL A 135 -6.92 -16.63 12.02
N GLY A 136 -5.84 -16.10 12.58
CA GLY A 136 -4.50 -16.35 12.06
C GLY A 136 -4.08 -17.79 12.31
N LEU A 137 -3.17 -18.31 11.49
CA LEU A 137 -2.71 -19.68 11.69
C LEU A 137 -1.23 -19.74 12.09
N LEU A 138 -0.62 -18.58 12.30
CA LEU A 138 0.81 -18.52 12.63
C LEU A 138 1.00 -18.16 14.10
N LYS A 139 0.28 -18.85 14.97
CA LYS A 139 0.32 -18.59 16.42
C LYS A 139 1.28 -19.52 17.17
N ASP A 140 2.48 -19.70 16.65
CA ASP A 140 3.46 -20.63 17.24
C ASP A 140 4.71 -19.91 17.75
N GLY A 141 4.54 -18.75 18.36
CA GLY A 141 5.65 -18.02 18.97
C GLY A 141 6.66 -17.40 18.01
N ARG A 142 6.20 -16.89 16.87
CA ARG A 142 7.12 -16.23 15.95
C ARG A 142 7.38 -14.79 16.38
N ARG A 143 8.44 -14.18 15.83
CA ARG A 143 8.83 -12.83 16.21
C ARG A 143 9.14 -11.99 15.01
N LEU A 145 10.62 -8.05 13.77
CA LEU A 145 11.27 -6.78 14.02
C LEU A 145 11.07 -5.93 12.75
N VAL A 146 10.49 -4.74 12.92
CA VAL A 146 10.36 -3.83 11.79
C VAL A 146 11.38 -2.70 11.96
N ILE A 147 12.18 -2.44 10.93
CA ILE A 147 13.11 -1.31 10.94
C ILE A 147 12.63 -0.29 9.91
N GLN A 148 12.19 0.87 10.40
CA GLN A 148 11.60 1.90 9.54
C GLN A 148 12.30 3.23 9.74
N ALA A 149 12.79 3.82 8.65
CA ALA A 149 13.35 5.16 8.71
C ALA A 149 12.28 6.12 8.22
N SER A 150 12.22 7.31 8.83
CA SER A 150 11.22 8.30 8.46
C SER A 150 11.76 9.72 8.65
N GLY A 151 11.30 10.66 7.84
CA GLY A 151 11.72 12.04 7.97
C GLY A 151 11.12 12.66 9.23
N GLY A 152 9.87 12.33 9.51
CA GLY A 152 9.19 12.91 10.66
C GLY A 152 9.30 12.07 11.92
N ILE A 153 8.73 12.57 13.01
CA ILE A 153 8.72 11.86 14.28
C ILE A 153 7.28 11.42 14.63
N TYR A 154 7.12 10.12 14.95
CA TYR A 154 5.79 9.53 15.11
C TYR A 154 5.43 9.11 16.53
N THR A 155 6.24 9.53 17.49
CA THR A 155 6.03 9.14 18.88
C THR A 155 5.63 10.29 19.79
N ASN A 156 5.16 11.39 19.20
CA ASN A 156 4.73 12.55 19.99
C ASN A 156 3.21 12.62 20.13
N ASP A 157 2.53 11.52 19.80
CA ASP A 157 1.06 11.44 19.85
C ASP A 157 0.35 12.66 19.28
N ASP A 158 0.55 12.89 17.98
CA ASP A 158 -0.06 14.02 17.27
C ASP A 158 -0.63 13.52 15.93
N TRP A 159 -0.84 14.45 14.99
CA TRP A 159 -1.33 14.09 13.67
C TRP A 159 -0.42 13.07 12.99
N TYR A 160 0.89 13.28 13.10
CA TYR A 160 1.84 12.32 12.56
C TYR A 160 1.56 10.89 13.06
N THR A 161 1.40 10.74 14.37
CA THR A 161 1.10 9.43 14.94
C THR A 161 -0.16 8.84 14.26
N ASP A 162 -1.20 9.66 14.12
CA ASP A 162 -2.47 9.23 13.54
C ASP A 162 -2.39 8.74 12.09
N VAL A 163 -1.42 9.23 11.33
CA VAL A 163 -1.30 8.84 9.92
C VAL A 163 -0.10 7.92 9.64
N GLU A 164 0.54 7.41 10.69
CA GLU A 164 1.61 6.43 10.52
C GLU A 164 1.02 5.10 10.07
N TYR A 165 0.38 5.06 8.90
CA TYR A 165 -0.32 3.85 8.48
C TYR A 165 0.59 2.66 8.18
N SER A 166 1.85 2.92 7.88
CA SER A 166 2.82 1.86 7.62
C SER A 166 2.94 0.95 8.84
N HIS A 167 3.18 1.56 9.99
CA HIS A 167 3.33 0.82 11.23
C HIS A 167 2.00 0.22 11.66
N LYS A 168 0.95 1.05 11.68
CA LYS A 168 -0.38 0.56 12.07
C LYS A 168 -0.84 -0.64 11.26
N TYR A 169 -0.63 -0.60 9.95
CA TYR A 169 -1.02 -1.71 9.09
C TYR A 169 -0.19 -2.97 9.35
N LEU A 170 1.14 -2.84 9.36
CA LEU A 170 2.00 -4.01 9.55
C LEU A 170 1.71 -4.67 10.88
N LYS A 171 1.59 -3.88 11.94
CA LYS A 171 1.30 -4.47 13.25
C LYS A 171 -0.08 -5.14 13.26
N ALA A 172 -1.07 -4.50 12.62
CA ALA A 172 -2.42 -5.07 12.65
C ALA A 172 -2.47 -6.37 11.87
N PHE A 174 0.17 -8.50 10.90
CA PHE A 174 0.94 -9.56 11.55
C PHE A 174 0.40 -10.02 12.89
N ASN A 175 -0.11 -9.10 13.71
CA ASN A 175 -0.81 -9.52 14.92
C ASN A 175 -1.96 -10.47 14.55
N PHE A 176 -2.71 -10.12 13.51
CA PHE A 176 -3.81 -10.97 13.05
C PHE A 176 -3.37 -12.38 12.67
N LEU A 177 -2.32 -12.49 11.84
CA LEU A 177 -1.83 -13.81 11.42
C LEU A 177 -1.35 -14.68 12.59
N GLY A 178 -1.04 -14.03 13.71
CA GLY A 178 -0.65 -14.76 14.91
C GLY A 178 0.68 -14.29 15.50
N ILE A 179 1.33 -13.33 14.85
CA ILE A 179 2.61 -12.82 15.35
C ILE A 179 2.42 -11.68 16.31
N GLU A 180 2.41 -12.00 17.60
CA GLU A 180 2.18 -11.03 18.66
C GLU A 180 3.49 -10.49 19.25
N ASP A 181 4.59 -11.21 19.05
CA ASP A 181 5.89 -10.68 19.48
C ASP A 181 6.39 -9.78 18.35
N TYR A 182 6.10 -8.48 18.47
CA TYR A 182 6.35 -7.51 17.42
C TYR A 182 7.12 -6.32 17.99
N GLN A 183 8.17 -5.87 17.29
CA GLN A 183 8.90 -4.65 17.69
C GLN A 183 9.17 -3.82 16.45
N ILE A 184 8.93 -2.51 16.53
CA ILE A 184 9.37 -1.63 15.46
C ILE A 184 10.47 -0.72 16.00
N VAL A 185 11.56 -0.60 15.24
CA VAL A 185 12.59 0.37 15.56
C VAL A 185 12.40 1.52 14.57
N ARG A 186 12.12 2.71 15.08
CA ARG A 186 11.90 3.84 14.19
C ARG A 186 13.15 4.71 14.15
N ALA A 187 13.90 4.66 13.04
CA ALA A 187 14.98 5.62 12.82
C ALA A 187 14.29 6.89 12.33
N GLN A 188 13.68 7.63 13.25
CA GLN A 188 12.76 8.70 12.88
C GLN A 188 13.36 10.10 13.06
N GLY A 189 12.80 11.07 12.34
CA GLY A 189 13.24 12.45 12.46
C GLY A 189 14.46 12.76 11.63
N THR A 190 14.69 11.98 10.58
CA THR A 190 15.84 12.23 9.71
C THR A 190 15.79 13.62 9.07
N ALA A 191 14.60 14.22 8.99
CA ALA A 191 14.47 15.57 8.42
C ALA A 191 14.54 16.67 9.48
N VAL A 192 14.63 16.28 10.74
CA VAL A 192 14.49 17.24 11.84
C VAL A 192 15.66 17.17 12.83
N LEU A 193 16.28 15.99 12.94
CA LEU A 193 17.33 15.77 13.95
C LEU A 193 18.72 15.58 13.34
N ASP A 194 19.73 15.81 14.16
CA ASP A 194 21.13 15.51 13.83
C ASP A 194 21.23 14.06 13.36
N PRO A 195 21.91 13.83 12.21
CA PRO A 195 22.20 12.49 11.70
C PRO A 195 22.85 11.61 12.77
N THR A 196 23.73 12.18 13.58
CA THR A 196 24.37 11.43 14.66
C THR A 196 23.34 10.88 15.66
N GLU A 197 22.35 11.71 16.05
CA GLU A 197 21.37 11.33 17.07
C GLU A 197 20.46 10.24 16.57
N VAL A 198 19.94 10.43 15.36
CA VAL A 198 19.07 9.44 14.73
C VAL A 198 19.74 8.08 14.63
N LEU A 199 20.91 8.05 14.00
CA LEU A 199 21.66 6.81 13.80
C LEU A 199 22.13 6.15 15.10
N GLN A 200 22.73 6.91 16.01
CA GLN A 200 23.18 6.32 17.29
C GLN A 200 22.01 5.69 18.06
N ASN A 201 20.83 6.32 18.03
CA ASN A 201 19.68 5.74 18.72
C ASN A 201 19.14 4.49 18.04
N ALA A 202 19.13 4.47 16.71
CA ALA A 202 18.66 3.29 16.00
C ALA A 202 19.65 2.13 16.10
N TYR A 203 20.96 2.42 16.06
CA TYR A 203 21.96 1.37 16.22
C TYR A 203 21.85 0.71 17.60
N LYS A 204 21.69 1.54 18.63
CA LYS A 204 21.51 1.06 19.99
C LYS A 204 20.27 0.14 20.06
N GLU A 205 19.14 0.61 19.54
CA GLU A 205 17.93 -0.22 19.54
C GLU A 205 18.06 -1.55 18.79
N VAL A 206 18.56 -1.57 17.56
CA VAL A 206 18.70 -2.87 16.88
C VAL A 206 19.76 -3.79 17.50
N GLU A 207 20.72 -3.20 18.23
CA GLU A 207 21.67 -4.02 18.98
C GLU A 207 20.95 -4.78 20.07
N GLU A 208 20.00 -4.10 20.73
CA GLU A 208 19.21 -4.73 21.78
C GLU A 208 18.30 -5.78 21.16
N ALA A 209 17.72 -5.46 20.01
CA ALA A 209 16.84 -6.39 19.31
C ALA A 209 17.61 -7.64 18.91
N ALA A 210 18.81 -7.48 18.33
CA ALA A 210 19.64 -8.62 17.98
C ALA A 210 19.86 -9.55 19.18
N SER A 211 20.29 -8.98 20.30
CA SER A 211 20.42 -9.72 21.54
C SER A 211 19.14 -10.43 21.95
N ARG A 212 18.01 -9.74 21.87
CA ARG A 212 16.76 -10.35 22.29
C ARG A 212 16.42 -11.50 21.36
N LEU A 213 16.48 -11.24 20.05
CA LEU A 213 16.07 -12.23 19.06
C LEU A 213 16.99 -13.46 18.99
N ALA A 214 18.26 -13.30 19.37
CA ALA A 214 19.21 -14.41 19.34
C ALA A 214 19.10 -15.39 20.50
N ASN A 215 18.39 -15.03 21.57
CA ASN A 215 18.13 -15.99 22.64
C ASN A 215 17.01 -16.93 22.28
N ASN B 5 -13.58 22.44 -17.04
CA ASN B 5 -13.92 21.65 -15.87
C ASN B 5 -13.86 20.14 -16.16
N LYS B 6 -13.10 19.41 -15.36
CA LYS B 6 -12.75 18.05 -15.71
C LYS B 6 -12.93 17.06 -14.55
N THR B 7 -13.41 15.87 -14.87
CA THR B 7 -13.49 14.76 -13.93
C THR B 7 -12.42 13.72 -14.28
N LEU B 8 -11.70 13.23 -13.27
CA LEU B 8 -10.64 12.25 -13.47
C LEU B 8 -11.02 10.95 -12.76
N ILE B 9 -11.13 9.87 -13.52
CA ILE B 9 -11.42 8.56 -12.95
C ILE B 9 -10.09 7.83 -12.76
N ILE B 10 -9.82 7.43 -11.52
CA ILE B 10 -8.59 6.68 -11.22
C ILE B 10 -9.00 5.23 -10.95
N ASN B 11 -8.76 4.36 -11.92
CA ASN B 11 -9.27 3.00 -11.84
C ASN B 11 -8.17 2.10 -11.30
N ALA B 12 -8.27 1.74 -10.01
CA ALA B 12 -7.23 0.92 -9.37
C ALA B 12 -7.63 -0.55 -9.31
N HIS B 13 -8.51 -0.98 -10.21
CA HIS B 13 -8.86 -2.40 -10.25
C HIS B 13 -7.96 -3.15 -11.22
N PRO B 14 -7.31 -4.22 -10.74
CA PRO B 14 -6.41 -5.03 -11.57
C PRO B 14 -7.14 -5.65 -12.77
N LYS B 15 -8.45 -5.86 -12.66
CA LYS B 15 -9.21 -6.42 -13.79
C LYS B 15 -9.57 -5.35 -14.84
N VAL B 16 -9.40 -4.07 -14.47
CA VAL B 16 -9.62 -2.92 -15.37
C VAL B 16 -11.08 -2.74 -15.82
N ASP B 17 -11.57 -3.64 -16.65
CA ASP B 17 -12.84 -3.47 -17.36
C ASP B 17 -13.85 -4.61 -17.16
N ASP B 18 -13.42 -5.66 -16.47
CA ASP B 18 -14.23 -6.87 -16.34
C ASP B 18 -15.45 -6.63 -15.44
N THR B 19 -16.65 -6.80 -15.98
CA THR B 19 -17.90 -6.58 -15.21
C THR B 19 -18.28 -7.74 -14.29
N SER B 20 -17.42 -8.75 -14.18
CA SER B 20 -17.58 -9.73 -13.11
C SER B 20 -17.25 -9.05 -11.78
N SER B 21 -16.45 -7.98 -11.85
CA SER B 21 -16.06 -7.20 -10.68
C SER B 21 -17.19 -6.32 -10.15
N VAL B 22 -17.43 -6.40 -8.85
CA VAL B 22 -18.48 -5.58 -8.23
C VAL B 22 -18.16 -4.06 -8.29
N SER B 23 -16.91 -3.69 -8.00
CA SER B 23 -16.53 -2.27 -8.00
C SER B 23 -16.60 -1.65 -9.40
N ILE B 24 -16.31 -2.45 -10.42
CA ILE B 24 -16.38 -2.02 -11.79
C ILE B 24 -17.83 -1.86 -12.28
N LYS B 25 -18.71 -2.81 -11.90
CA LYS B 25 -20.14 -2.69 -12.18
C LYS B 25 -20.69 -1.41 -11.54
N VAL B 26 -20.32 -1.17 -10.29
CA VAL B 26 -20.81 0.01 -9.59
C VAL B 26 -20.28 1.28 -10.26
N PHE B 27 -18.99 1.31 -10.56
CA PHE B 27 -18.43 2.42 -11.32
C PHE B 27 -19.17 2.67 -12.64
N LYS B 28 -19.37 1.62 -13.43
CA LYS B 28 -20.02 1.79 -14.73
C LYS B 28 -21.44 2.33 -14.58
N HIS B 29 -22.14 1.90 -13.53
CA HIS B 29 -23.47 2.45 -13.22
C HIS B 29 -23.34 3.93 -12.85
N PHE B 30 -22.37 4.26 -12.01
CA PHE B 30 -22.09 5.66 -11.69
C PHE B 30 -21.84 6.48 -12.97
N LEU B 31 -20.90 6.02 -13.78
CA LEU B 31 -20.43 6.75 -14.95
C LEU B 31 -21.56 7.04 -15.96
N GLU B 32 -22.38 6.02 -16.21
CA GLU B 32 -23.55 6.14 -17.08
C GLU B 32 -24.55 7.19 -16.58
N SER B 33 -24.77 7.22 -15.26
CA SER B 33 -25.66 8.24 -14.68
C SER B 33 -25.03 9.62 -14.79
N TYR B 34 -23.75 9.68 -14.43
CA TYR B 34 -22.99 10.92 -14.47
C TYR B 34 -23.00 11.53 -15.87
N LYS B 35 -22.65 10.74 -16.88
CA LYS B 35 -22.62 11.23 -18.28
C LYS B 35 -23.95 11.82 -18.72
N GLU B 36 -25.06 11.31 -18.19
CA GLU B 36 -26.38 11.80 -18.56
C GLU B 36 -26.63 13.20 -18.01
N LEU B 37 -25.99 13.50 -16.89
CA LEU B 37 -26.32 14.70 -16.11
C LEU B 37 -25.32 15.85 -16.27
N ILE B 38 -24.10 15.57 -16.73
CA ILE B 38 -23.10 16.62 -16.88
C ILE B 38 -23.31 17.44 -18.16
N SER B 39 -22.64 18.59 -18.23
CA SER B 39 -22.79 19.49 -19.37
C SER B 39 -21.91 19.08 -20.55
N ASN B 40 -22.13 19.74 -21.69
CA ASN B 40 -21.36 19.49 -22.89
C ASN B 40 -19.89 19.84 -22.68
N ASN B 41 -19.64 21.01 -22.09
CA ASN B 41 -18.27 21.51 -21.90
C ASN B 41 -17.55 20.88 -20.70
N GLU B 42 -17.79 19.59 -20.46
CA GLU B 42 -17.15 18.89 -19.35
C GLU B 42 -16.43 17.62 -19.79
N THR B 43 -15.15 17.55 -19.49
CA THR B 43 -14.30 16.46 -19.95
C THR B 43 -14.16 15.39 -18.88
N ILE B 44 -14.22 14.13 -19.30
CA ILE B 44 -13.95 13.01 -18.41
C ILE B 44 -12.66 12.32 -18.87
N GLU B 45 -11.69 12.16 -17.96
CA GLU B 45 -10.50 11.40 -18.28
C GLU B 45 -10.39 10.21 -17.35
N GLN B 46 -9.72 9.17 -17.80
CA GLN B 46 -9.60 7.97 -16.97
C GLN B 46 -8.18 7.47 -17.08
N ILE B 47 -7.62 7.09 -15.95
CA ILE B 47 -6.35 6.38 -15.93
C ILE B 47 -6.58 5.03 -15.27
N ASN B 48 -6.23 3.97 -15.99
CA ASN B 48 -6.36 2.61 -15.50
C ASN B 48 -5.00 2.11 -14.98
N LEU B 49 -4.81 2.16 -13.66
CA LEU B 49 -3.51 1.89 -13.03
C LEU B 49 -2.85 0.57 -13.42
N TYR B 50 -3.66 -0.44 -13.71
CA TYR B 50 -3.13 -1.77 -14.05
C TYR B 50 -3.08 -1.97 -15.54
N ASP B 51 -3.30 -0.89 -16.30
CA ASP B 51 -3.24 -1.00 -17.75
C ASP B 51 -2.58 0.26 -18.31
N ASP B 52 -1.64 0.79 -17.54
CA ASP B 52 -0.94 2.01 -17.91
C ASP B 52 0.40 2.03 -17.19
N VAL B 53 1.23 3.01 -17.53
CA VAL B 53 2.51 3.20 -16.88
C VAL B 53 2.36 4.19 -15.74
N VAL B 54 2.49 3.70 -14.51
CA VAL B 54 2.46 4.53 -13.32
C VAL B 54 3.76 4.22 -12.58
N PRO B 55 4.79 5.08 -12.72
CA PRO B 55 6.09 4.73 -12.16
C PRO B 55 6.04 4.49 -10.67
N ILE B 57 8.22 4.16 -7.06
CA ILE B 57 9.48 4.66 -6.52
C ILE B 57 10.46 3.48 -6.52
N ASP B 58 11.49 3.57 -7.37
CA ASP B 58 12.59 2.60 -7.37
C ASP B 58 13.92 3.36 -7.29
N LYS B 59 15.03 2.63 -7.45
CA LYS B 59 16.37 3.23 -7.44
C LYS B 59 16.50 4.39 -8.40
N THR B 60 15.97 4.21 -9.61
CA THR B 60 16.10 5.21 -10.67
C THR B 60 15.40 6.51 -10.29
N VAL B 61 14.18 6.39 -9.78
CA VAL B 61 13.43 7.56 -9.34
C VAL B 61 14.17 8.29 -8.22
N LEU B 62 14.53 7.56 -7.17
CA LEU B 62 15.23 8.15 -6.03
C LEU B 62 16.51 8.87 -6.45
N SER B 63 17.29 8.23 -7.32
CA SER B 63 18.52 8.84 -7.82
C SER B 63 18.23 10.10 -8.64
N ALA B 64 17.18 10.04 -9.45
CA ALA B 64 16.78 11.17 -10.26
C ALA B 64 16.45 12.35 -9.36
N TRP B 65 15.72 12.06 -8.28
CA TRP B 65 15.33 13.08 -7.32
C TRP B 65 16.51 13.69 -6.56
N GLU B 66 17.48 12.86 -6.19
CA GLU B 66 18.67 13.35 -5.49
C GLU B 66 19.46 14.27 -6.42
N LYS B 67 19.50 13.90 -7.70
CA LYS B 67 20.27 14.66 -8.69
C LYS B 67 19.59 16.00 -8.96
N GLN B 68 18.26 15.99 -8.93
CA GLN B 68 17.50 17.22 -9.08
C GLN B 68 17.75 18.16 -7.90
N GLY B 69 18.02 17.59 -6.72
CA GLY B 69 18.32 18.37 -5.54
C GLY B 69 19.75 18.89 -5.49
N ASN B 70 20.65 18.17 -6.13
CA ASN B 70 22.06 18.60 -6.17
C ASN B 70 22.37 19.41 -7.43
N GLY B 71 21.37 19.60 -8.28
CA GLY B 71 21.56 20.33 -9.51
C GLY B 71 22.48 19.59 -10.47
N GLN B 72 22.52 18.26 -10.33
CA GLN B 72 23.29 17.42 -11.22
C GLN B 72 22.46 17.01 -12.43
N GLU B 73 23.15 16.61 -13.49
CA GLU B 73 22.52 16.20 -14.73
C GLU B 73 21.87 14.82 -14.61
N LEU B 74 20.72 14.65 -15.27
CA LEU B 74 20.00 13.37 -15.23
C LEU B 74 20.38 12.46 -16.40
N THR B 75 20.39 11.15 -16.15
CA THR B 75 20.56 10.18 -17.23
C THR B 75 19.26 10.13 -18.04
N ARG B 76 19.32 9.62 -19.26
CA ARG B 76 18.13 9.48 -20.10
C ARG B 76 17.02 8.74 -19.36
N GLU B 77 17.37 7.64 -18.69
CA GLU B 77 16.38 6.84 -17.97
C GLU B 77 15.73 7.65 -16.83
N GLU B 78 16.57 8.32 -16.04
CA GLU B 78 16.07 9.21 -14.99
C GLU B 78 15.17 10.32 -15.57
N GLN B 79 15.54 10.82 -16.75
CA GLN B 79 14.77 11.87 -17.40
C GLN B 79 13.40 11.34 -17.79
N LYS B 80 13.39 10.19 -18.45
CA LYS B 80 12.16 9.62 -18.96
C LYS B 80 11.17 9.32 -17.84
N VAL B 81 11.64 8.74 -16.74
CA VAL B 81 10.73 8.37 -15.66
C VAL B 81 10.18 9.61 -14.93
N THR B 82 11.00 10.63 -14.75
CA THR B 82 10.52 11.82 -14.08
C THR B 82 9.54 12.62 -14.96
N GLU B 83 9.76 12.59 -16.28
CA GLU B 83 8.81 13.18 -17.21
C GLU B 83 7.43 12.49 -17.11
N ARG B 84 7.41 11.16 -17.07
CA ARG B 84 6.13 10.46 -16.93
C ARG B 84 5.46 10.81 -15.59
N SER B 86 5.75 13.58 -13.86
CA SER B 86 5.20 14.94 -13.82
C SER B 86 3.93 15.06 -14.68
N GLU B 87 3.83 14.24 -15.73
CA GLU B 87 2.62 14.13 -16.54
C GLU B 87 1.42 13.63 -15.71
N ILE B 88 1.67 12.63 -14.87
CA ILE B 88 0.63 12.08 -14.00
C ILE B 88 0.17 13.12 -12.97
N LEU B 89 1.15 13.84 -12.40
CA LEU B 89 0.87 14.88 -11.43
C LEU B 89 -0.01 15.94 -12.05
N GLN B 90 0.36 16.41 -13.23
CA GLN B 90 -0.38 17.49 -13.88
C GLN B 90 -1.79 17.04 -14.29
N GLN B 91 -1.90 15.81 -14.75
CA GLN B 91 -3.23 15.28 -15.06
C GLN B 91 -4.06 15.27 -13.78
N PHE B 92 -3.48 14.81 -12.67
CA PHE B 92 -4.18 14.88 -11.39
C PHE B 92 -4.57 16.31 -10.95
N LYS B 93 -3.66 17.26 -11.10
CA LYS B 93 -3.95 18.64 -10.70
C LYS B 93 -5.00 19.28 -11.60
N SER B 94 -5.13 18.79 -12.84
CA SER B 94 -6.00 19.42 -13.83
C SER B 94 -7.51 19.20 -13.59
N ALA B 95 -7.86 18.33 -12.64
CA ALA B 95 -9.24 17.92 -12.47
C ALA B 95 -9.84 18.42 -11.15
N ASN B 96 -11.13 18.74 -11.15
CA ASN B 96 -11.82 19.17 -9.92
C ASN B 96 -12.75 18.11 -9.32
N THR B 97 -12.86 16.96 -9.97
CA THR B 97 -13.66 15.86 -9.45
C THR B 97 -12.88 14.59 -9.72
N TYR B 98 -12.78 13.74 -8.69
CA TYR B 98 -11.99 12.53 -8.78
C TYR B 98 -12.84 11.32 -8.41
N VAL B 99 -12.68 10.22 -9.13
CA VAL B 99 -13.36 8.98 -8.74
C VAL B 99 -12.33 7.89 -8.66
N ILE B 100 -12.20 7.28 -7.48
CA ILE B 100 -11.28 6.16 -7.33
C ILE B 100 -12.10 4.87 -7.24
N VAL B 101 -11.71 3.86 -8.02
CA VAL B 101 -12.39 2.58 -8.02
C VAL B 101 -11.39 1.55 -7.56
N LEU B 102 -11.74 0.79 -6.51
CA LEU B 102 -10.85 -0.25 -6.04
C LEU B 102 -11.62 -1.41 -5.38
N PRO B 103 -11.05 -2.61 -5.50
CA PRO B 103 -11.46 -3.75 -4.67
C PRO B 103 -10.62 -3.69 -3.38
N LEU B 104 -11.15 -4.24 -2.29
CA LEU B 104 -10.36 -4.31 -1.07
C LEU B 104 -9.58 -5.61 -1.04
N HIS B 105 -8.26 -5.51 -1.22
CA HIS B 105 -7.38 -6.69 -1.10
C HIS B 105 -6.47 -6.50 0.11
N ASN B 106 -6.70 -7.32 1.15
CA ASN B 106 -5.83 -7.34 2.33
C ASN B 106 -5.75 -5.99 3.05
N PHE B 107 -6.93 -5.41 3.25
CA PHE B 107 -7.13 -4.29 4.18
C PHE B 107 -6.30 -3.05 3.88
N ASN B 108 -5.92 -2.84 2.63
CA ASN B 108 -5.16 -1.63 2.27
C ASN B 108 -5.40 -1.36 0.80
N ILE B 109 -4.92 -0.23 0.30
CA ILE B 109 -5.14 0.11 -1.11
C ILE B 109 -4.29 -0.81 -2.02
N PRO B 110 -4.71 -0.99 -3.29
CA PRO B 110 -3.93 -1.83 -4.22
C PRO B 110 -2.53 -1.23 -4.37
N SER B 111 -1.54 -2.07 -4.60
CA SER B 111 -0.18 -1.59 -4.68
C SER B 111 0.00 -0.52 -5.76
N LYS B 112 -0.69 -0.65 -6.91
CA LYS B 112 -0.53 0.33 -7.98
C LYS B 112 -1.15 1.65 -7.57
N LEU B 113 -2.10 1.60 -6.64
CA LEU B 113 -2.70 2.83 -6.14
C LEU B 113 -1.72 3.55 -5.20
N LYS B 114 -0.89 2.80 -4.48
CA LYS B 114 0.18 3.42 -3.68
C LYS B 114 1.18 4.09 -4.62
N ASP B 115 1.58 3.40 -5.69
CA ASP B 115 2.45 4.00 -6.70
C ASP B 115 1.85 5.33 -7.18
N TYR B 116 0.57 5.31 -7.51
CA TYR B 116 -0.11 6.51 -7.97
C TYR B 116 -0.03 7.64 -6.95
N ASP B 118 2.25 7.99 -4.82
CA ASP B 118 3.64 8.44 -4.78
C ASP B 118 3.96 9.41 -5.91
N ASN B 119 3.14 9.38 -6.95
CA ASN B 119 3.28 10.29 -8.09
C ASN B 119 2.62 11.63 -7.84
N ILE B 120 1.53 11.65 -7.08
CA ILE B 120 0.76 12.89 -6.91
C ILE B 120 1.00 13.62 -5.58
N ILE B 122 3.46 15.50 -3.93
CA ILE B 122 4.70 16.13 -4.31
C ILE B 122 4.80 17.52 -3.69
N ALA B 123 5.91 17.80 -3.01
CA ALA B 123 6.12 19.10 -2.40
C ALA B 123 6.07 20.23 -3.43
N ARG B 124 5.57 21.39 -2.99
CA ARG B 124 5.38 22.57 -3.84
C ARG B 124 4.38 22.40 -4.99
N GLU B 125 3.78 21.22 -5.11
CA GLU B 125 2.83 20.96 -6.18
C GLU B 125 1.42 20.66 -5.66
N THR B 126 1.28 19.66 -4.79
CA THR B 126 -0.04 19.36 -4.23
C THR B 126 -0.11 19.61 -2.71
N PHE B 127 1.06 19.89 -2.11
CA PHE B 127 1.15 20.37 -0.74
C PHE B 127 2.45 21.15 -0.60
N LYS B 128 2.66 21.77 0.55
CA LYS B 128 3.92 22.44 0.81
C LYS B 128 4.37 22.35 2.27
N TYR B 129 5.62 21.93 2.46
CA TYR B 129 6.27 22.04 3.76
C TYR B 129 6.20 23.52 4.14
N THR B 130 5.62 23.83 5.30
CA THR B 130 5.41 25.22 5.69
C THR B 130 5.39 25.43 7.20
N THR B 132 3.05 26.62 11.87
CA THR B 132 3.91 26.14 10.80
C THR B 132 3.82 24.61 10.67
N GLY B 133 3.45 24.15 9.47
CA GLY B 133 3.35 22.74 9.18
C GLY B 133 3.03 22.59 7.71
N SER B 134 2.76 21.37 7.26
CA SER B 134 2.41 21.16 5.86
C SER B 134 0.97 21.59 5.60
N VAL B 135 0.69 22.10 4.41
CA VAL B 135 -0.67 22.45 4.02
C VAL B 135 -0.95 21.99 2.58
N GLY B 136 -2.19 21.60 2.31
CA GLY B 136 -2.58 21.17 0.98
C GLY B 136 -2.73 22.34 0.01
N LEU B 137 -2.40 22.12 -1.25
CA LEU B 137 -2.52 23.16 -2.26
C LEU B 137 -3.79 22.99 -3.11
N LEU B 138 -4.51 21.90 -2.90
CA LEU B 138 -5.71 21.65 -3.68
C LEU B 138 -6.97 22.04 -2.92
N LYS B 139 -6.94 23.19 -2.27
CA LYS B 139 -8.03 23.63 -1.41
C LYS B 139 -9.05 24.51 -2.15
N ASP B 140 -9.45 24.09 -3.35
CA ASP B 140 -10.35 24.91 -4.17
C ASP B 140 -11.67 24.22 -4.49
N GLY B 141 -12.20 23.47 -3.52
CA GLY B 141 -13.52 22.89 -3.64
C GLY B 141 -13.57 21.62 -4.48
N ARG B 142 -12.45 20.91 -4.58
CA ARG B 142 -12.43 19.67 -5.35
C ARG B 142 -13.21 18.58 -4.62
N ARG B 143 -13.70 17.61 -5.40
CA ARG B 143 -14.51 16.53 -4.84
C ARG B 143 -13.89 15.19 -5.14
N LEU B 145 -14.71 10.97 -4.92
CA LEU B 145 -15.60 9.83 -4.67
C LEU B 145 -14.79 8.54 -4.75
N VAL B 146 -14.88 7.73 -3.71
CA VAL B 146 -14.23 6.44 -3.71
C VAL B 146 -15.30 5.36 -3.78
N ILE B 147 -15.18 4.46 -4.75
CA ILE B 147 -16.07 3.32 -4.87
C ILE B 147 -15.25 2.09 -4.48
N GLN B 148 -15.62 1.45 -3.36
CA GLN B 148 -14.83 0.32 -2.85
C GLN B 148 -15.68 -0.94 -2.63
N ALA B 149 -15.28 -2.03 -3.28
CA ALA B 149 -15.94 -3.30 -3.09
C ALA B 149 -15.13 -4.12 -2.09
N SER B 150 -15.82 -4.83 -1.20
CA SER B 150 -15.15 -5.60 -0.15
C SER B 150 -15.97 -6.81 0.25
N GLY B 151 -15.29 -7.90 0.58
CA GLY B 151 -15.96 -9.10 1.02
C GLY B 151 -16.69 -8.86 2.33
N GLY B 152 -16.03 -8.14 3.23
CA GLY B 152 -16.58 -7.88 4.55
C GLY B 152 -17.35 -6.59 4.66
N ILE B 153 -17.97 -6.40 5.82
CA ILE B 153 -18.74 -5.20 6.12
C ILE B 153 -17.96 -4.33 7.12
N TYR B 154 -17.82 -3.04 6.82
CA TYR B 154 -16.89 -2.17 7.56
C TYR B 154 -17.54 -1.06 8.36
N THR B 155 -18.87 -1.06 8.37
CA THR B 155 -19.65 -0.01 8.99
C THR B 155 -20.29 -0.43 10.31
N ASN B 156 -19.72 -1.46 10.96
CA ASN B 156 -20.28 -1.93 12.23
C ASN B 156 -19.50 -1.49 13.47
N ASP B 157 -18.44 -0.71 13.26
CA ASP B 157 -17.60 -0.21 14.34
C ASP B 157 -16.99 -1.33 15.17
N ASP B 158 -16.45 -2.33 14.49
CA ASP B 158 -15.76 -3.44 15.14
C ASP B 158 -14.32 -3.56 14.65
N TRP B 159 -13.74 -4.74 14.79
CA TRP B 159 -12.37 -4.99 14.33
C TRP B 159 -12.17 -4.63 12.86
N TYR B 160 -13.14 -5.00 12.02
CA TYR B 160 -13.09 -4.71 10.59
C TYR B 160 -12.97 -3.21 10.36
N THR B 161 -13.73 -2.43 11.12
CA THR B 161 -13.71 -0.98 10.95
C THR B 161 -12.34 -0.43 11.28
N ASP B 162 -11.72 -0.99 12.31
CA ASP B 162 -10.43 -0.52 12.81
C ASP B 162 -9.27 -0.85 11.87
N VAL B 163 -9.45 -1.85 11.01
CA VAL B 163 -8.39 -2.20 10.07
C VAL B 163 -8.71 -1.85 8.60
N GLU B 164 -9.70 -0.99 8.38
CA GLU B 164 -10.04 -0.60 7.01
C GLU B 164 -9.06 0.46 6.55
N TYR B 165 -7.80 0.06 6.38
CA TYR B 165 -6.75 1.05 6.09
C TYR B 165 -6.85 1.68 4.71
N SER B 166 -7.51 0.99 3.78
CA SER B 166 -7.76 1.54 2.45
C SER B 166 -8.45 2.90 2.58
N HIS B 167 -9.64 2.88 3.18
CA HIS B 167 -10.42 4.10 3.39
C HIS B 167 -9.71 5.12 4.28
N LYS B 168 -9.16 4.65 5.41
CA LYS B 168 -8.49 5.56 6.35
C LYS B 168 -7.33 6.30 5.66
N TYR B 169 -6.52 5.55 4.91
CA TYR B 169 -5.38 6.17 4.23
C TYR B 169 -5.81 7.19 3.21
N LEU B 170 -6.72 6.78 2.31
CA LEU B 170 -7.15 7.63 1.21
C LEU B 170 -7.74 8.91 1.75
N LYS B 171 -8.64 8.78 2.73
CA LYS B 171 -9.26 9.96 3.32
C LYS B 171 -8.23 10.88 3.98
N ALA B 172 -7.24 10.31 4.65
CA ALA B 172 -6.26 11.13 5.35
C ALA B 172 -5.35 11.84 4.34
N PHE B 174 -5.98 12.55 1.06
CA PHE B 174 -6.69 13.58 0.31
C PHE B 174 -7.12 14.79 1.14
N ASN B 175 -7.53 14.59 2.39
CA ASN B 175 -7.72 15.72 3.31
C ASN B 175 -6.43 16.54 3.41
N PHE B 176 -5.30 15.84 3.58
CA PHE B 176 -4.00 16.49 3.69
C PHE B 176 -3.67 17.31 2.43
N LEU B 177 -4.16 16.88 1.27
CA LEU B 177 -3.92 17.61 0.04
C LEU B 177 -4.87 18.79 -0.11
N GLY B 178 -5.90 18.83 0.73
CA GLY B 178 -6.84 19.95 0.74
C GLY B 178 -8.19 19.55 0.15
N ILE B 179 -8.31 18.27 -0.20
CA ILE B 179 -9.56 17.75 -0.72
C ILE B 179 -10.40 17.23 0.44
N GLU B 180 -11.35 18.04 0.89
CA GLU B 180 -12.13 17.69 2.06
C GLU B 180 -13.52 17.13 1.73
N ASP B 181 -14.02 17.43 0.54
CA ASP B 181 -15.28 16.87 0.10
C ASP B 181 -15.04 15.45 -0.40
N TYR B 182 -14.98 14.51 0.57
CA TYR B 182 -14.67 13.10 0.31
C TYR B 182 -15.91 12.25 0.64
N GLN B 183 -16.22 11.29 -0.24
CA GLN B 183 -17.33 10.35 0.00
C GLN B 183 -16.89 8.96 -0.44
N ILE B 184 -17.18 7.95 0.38
CA ILE B 184 -16.85 6.58 -0.01
C ILE B 184 -18.15 5.80 -0.18
N VAL B 185 -18.26 5.06 -1.28
CA VAL B 185 -19.40 4.19 -1.45
C VAL B 185 -18.87 2.79 -1.21
N ARG B 186 -19.34 2.17 -0.13
CA ARG B 186 -18.92 0.81 0.20
C ARG B 186 -19.86 -0.23 -0.39
N ALA B 187 -19.46 -0.86 -1.49
CA ALA B 187 -20.17 -2.05 -1.96
C ALA B 187 -19.63 -3.24 -1.18
N GLN B 188 -20.04 -3.30 0.08
CA GLN B 188 -19.42 -4.17 1.06
C GLN B 188 -20.32 -5.37 1.34
N GLY B 189 -19.74 -6.42 1.91
CA GLY B 189 -20.50 -7.62 2.23
C GLY B 189 -20.68 -8.57 1.07
N THR B 190 -19.82 -8.46 0.05
CA THR B 190 -19.93 -9.38 -1.09
C THR B 190 -19.64 -10.83 -0.67
N ALA B 191 -19.08 -11.01 0.52
CA ALA B 191 -18.85 -12.35 1.04
C ALA B 191 -19.95 -12.86 1.95
N VAL B 192 -20.99 -12.07 2.19
CA VAL B 192 -22.01 -12.49 3.15
C VAL B 192 -23.43 -12.23 2.67
N LEU B 193 -23.58 -11.21 1.83
CA LEU B 193 -24.88 -10.84 1.28
C LEU B 193 -25.01 -11.33 -0.16
N ASP B 194 -26.24 -11.47 -0.60
CA ASP B 194 -26.53 -11.81 -1.99
C ASP B 194 -26.02 -10.68 -2.90
N PRO B 195 -25.43 -11.04 -4.05
CA PRO B 195 -24.80 -10.06 -4.93
C PRO B 195 -25.78 -8.98 -5.42
N THR B 196 -27.03 -9.36 -5.67
CA THR B 196 -28.05 -8.40 -6.10
C THR B 196 -28.34 -7.39 -4.99
N GLU B 197 -28.34 -7.88 -3.74
CA GLU B 197 -28.53 -7.06 -2.55
C GLU B 197 -27.42 -5.98 -2.40
N VAL B 198 -26.16 -6.41 -2.46
CA VAL B 198 -25.03 -5.48 -2.50
C VAL B 198 -25.16 -4.45 -3.62
N LEU B 199 -25.48 -4.90 -4.82
CA LEU B 199 -25.54 -3.99 -5.98
C LEU B 199 -26.66 -2.95 -5.89
N GLN B 200 -27.85 -3.37 -5.50
CA GLN B 200 -28.98 -2.45 -5.38
C GLN B 200 -28.65 -1.25 -4.50
N ASN B 201 -28.07 -1.51 -3.32
CA ASN B 201 -27.74 -0.40 -2.43
C ASN B 201 -26.61 0.43 -2.99
N ALA B 202 -25.58 -0.22 -3.54
CA ALA B 202 -24.45 0.50 -4.12
C ALA B 202 -24.89 1.34 -5.31
N TYR B 203 -25.80 0.81 -6.13
CA TYR B 203 -26.29 1.53 -7.30
C TYR B 203 -27.02 2.78 -6.90
N LYS B 204 -27.79 2.72 -5.82
CA LYS B 204 -28.53 3.90 -5.36
C LYS B 204 -27.55 4.96 -4.84
N GLU B 205 -26.54 4.53 -4.10
CA GLU B 205 -25.54 5.48 -3.61
C GLU B 205 -24.82 6.22 -4.76
N VAL B 206 -24.33 5.49 -5.75
CA VAL B 206 -23.68 6.16 -6.88
C VAL B 206 -24.63 6.96 -7.78
N GLU B 207 -25.92 6.61 -7.81
CA GLU B 207 -26.87 7.45 -8.54
C GLU B 207 -27.03 8.80 -7.83
N GLU B 208 -27.10 8.79 -6.50
CA GLU B 208 -27.19 10.07 -5.77
C GLU B 208 -25.86 10.82 -5.88
N ALA B 209 -24.76 10.09 -5.85
CA ALA B 209 -23.45 10.72 -5.95
C ALA B 209 -23.32 11.43 -7.30
N ALA B 210 -23.75 10.73 -8.35
CA ALA B 210 -23.76 11.27 -9.69
C ALA B 210 -24.58 12.55 -9.80
N SER B 211 -25.79 12.53 -9.25
CA SER B 211 -26.65 13.71 -9.22
C SER B 211 -26.00 14.86 -8.46
N ARG B 212 -25.50 14.59 -7.26
CA ARG B 212 -24.88 15.63 -6.44
C ARG B 212 -23.67 16.24 -7.13
N LEU B 213 -22.83 15.39 -7.72
CA LEU B 213 -21.60 15.86 -8.34
C LEU B 213 -21.85 16.58 -9.67
N ALA B 214 -22.93 16.21 -10.36
CA ALA B 214 -23.23 16.81 -11.66
C ALA B 214 -23.96 18.12 -11.51
N ASN B 215 -24.55 18.33 -10.35
CA ASN B 215 -25.27 19.57 -10.06
C ASN B 215 -24.34 20.78 -10.10
#